data_6OOD
#
_entry.id   6OOD
#
_cell.length_a   78.893
_cell.length_b   78.893
_cell.length_c   78.893
_cell.angle_alpha   90.000
_cell.angle_beta   90.000
_cell.angle_gamma   90.000
#
_symmetry.space_group_name_H-M   'P 21 3'
#
loop_
_entity.id
_entity.type
_entity.pdbx_description
1 polymer 'pterocarpan synthase dirigent protein PsPTS1'
2 water water
#
_entity_poly.entity_id   1
_entity_poly.type   'polypeptide(L)'
_entity_poly.pdbx_seq_one_letter_code
;MTKYYQSLSPTMLGFQEEKFTHLHFYFHDIVTGPKPSMVFVAEPNGKVENALPFGTVVAMDDPLTAGPERDSKLVGKAQG
IYTSISQEEMGLMMVMTMAFSDGEFNGSTLSILGRNMIMSETIREMAIVGGTGAFRFVRGYAQAKFFSVDFTTGDATVEY
DIFVFHYKGELNSKLEGKPIPNPLLGLDSTRTGHHHHHH
;
_entity_poly.pdbx_strand_id   A
#
# COMPACT_ATOMS: atom_id res chain seq x y z
N PHE A 15 23.80 -11.90 3.06
CA PHE A 15 23.73 -11.00 1.91
C PHE A 15 24.73 -9.85 2.04
N GLN A 16 24.88 -9.08 0.96
CA GLN A 16 26.01 -8.17 0.81
C GLN A 16 25.65 -6.69 0.92
N GLU A 17 24.39 -6.34 1.17
CA GLU A 17 24.03 -4.93 1.18
C GLU A 17 24.68 -4.20 2.34
N GLU A 18 24.91 -2.91 2.13
CA GLU A 18 25.60 -2.07 3.09
C GLU A 18 24.68 -1.51 4.16
N LYS A 19 23.38 -1.46 3.90
CA LYS A 19 22.41 -0.81 4.78
C LYS A 19 21.18 -1.69 4.94
N PHE A 20 20.59 -1.61 6.14
CA PHE A 20 19.29 -2.22 6.39
C PHE A 20 18.39 -1.18 7.05
N THR A 21 17.13 -1.16 6.65
CA THR A 21 16.16 -0.24 7.22
C THR A 21 14.84 -0.95 7.44
N HIS A 22 14.30 -0.81 8.65
CA HIS A 22 12.94 -1.22 8.98
C HIS A 22 12.04 0.00 8.83
N LEU A 23 11.07 -0.07 7.92
CA LEU A 23 10.06 0.97 7.76
C LEU A 23 8.77 0.47 8.39
N HIS A 24 8.07 1.38 9.08
CA HIS A 24 6.81 1.05 9.73
C HIS A 24 5.91 2.26 9.60
N PHE A 25 4.75 2.06 9.01
CA PHE A 25 3.82 3.17 8.78
C PHE A 25 2.44 2.60 8.54
N TYR A 26 1.48 3.49 8.36
CA TYR A 26 0.09 3.10 8.14
C TYR A 26 -0.43 3.70 6.84
N PHE A 27 -1.02 2.83 6.03
CA PHE A 27 -1.59 3.14 4.72
C PHE A 27 -3.08 3.41 4.88
N HIS A 28 -3.56 4.52 4.31
CA HIS A 28 -4.97 4.88 4.40
C HIS A 28 -5.61 4.90 3.01
N ASP A 29 -6.56 4.02 2.78
CA ASP A 29 -7.44 4.09 1.62
C ASP A 29 -8.74 4.74 2.07
N ILE A 30 -8.96 5.96 1.64
CA ILE A 30 -10.06 6.80 2.11
C ILE A 30 -11.09 6.85 1.00
N VAL A 31 -12.18 6.13 1.19
CA VAL A 31 -13.26 6.07 0.21
C VAL A 31 -14.39 7.04 0.56
N THR A 32 -14.75 7.11 1.83
CA THR A 32 -15.81 8.01 2.27
C THR A 32 -15.27 9.44 2.47
N GLY A 33 -16.18 10.36 2.73
CA GLY A 33 -15.80 11.71 3.07
C GLY A 33 -15.75 12.64 1.87
N PRO A 34 -15.44 13.91 2.14
CA PRO A 34 -15.45 14.91 1.07
C PRO A 34 -14.25 14.89 0.13
N LYS A 35 -13.13 14.28 0.53
CA LYS A 35 -11.94 14.21 -0.32
C LYS A 35 -11.38 12.80 -0.30
N PRO A 36 -12.02 11.86 -0.99
CA PRO A 36 -11.47 10.50 -1.04
C PRO A 36 -10.07 10.50 -1.63
N SER A 37 -9.29 9.50 -1.23
CA SER A 37 -7.92 9.34 -1.71
C SER A 37 -7.85 8.50 -2.98
N MET A 38 -8.97 8.03 -3.49
CA MET A 38 -8.96 7.09 -4.59
C MET A 38 -10.08 7.45 -5.56
N VAL A 39 -10.08 6.79 -6.72
CA VAL A 39 -11.11 6.98 -7.72
C VAL A 39 -11.26 5.67 -8.48
N PHE A 40 -12.50 5.30 -8.81
CA PHE A 40 -12.70 4.12 -9.64
C PHE A 40 -12.23 4.41 -11.05
N VAL A 41 -11.40 3.53 -11.59
CA VAL A 41 -10.94 3.64 -12.96
C VAL A 41 -11.83 2.86 -13.92
N ALA A 42 -12.22 1.66 -13.50
CA ALA A 42 -13.08 0.80 -14.29
C ALA A 42 -13.87 -0.10 -13.36
N GLU A 43 -15.13 -0.31 -13.69
CA GLU A 43 -16.02 -1.20 -12.95
C GLU A 43 -16.76 -2.07 -13.95
N PRO A 44 -16.06 -3.01 -14.59
CA PRO A 44 -16.70 -3.79 -15.65
C PRO A 44 -17.81 -4.68 -15.16
N ASN A 45 -17.83 -5.01 -13.88
CA ASN A 45 -18.91 -5.79 -13.28
C ASN A 45 -19.73 -4.98 -12.29
N GLY A 46 -19.76 -3.66 -12.48
CA GLY A 46 -20.60 -2.80 -11.67
C GLY A 46 -20.18 -2.81 -10.21
N LYS A 47 -21.19 -2.68 -9.35
CA LYS A 47 -21.00 -2.60 -7.91
C LYS A 47 -21.72 -3.77 -7.23
N VAL A 48 -21.18 -4.16 -6.08
CA VAL A 48 -21.81 -5.14 -5.21
C VAL A 48 -21.61 -4.65 -3.78
N GLU A 49 -22.53 -5.03 -2.89
CA GLU A 49 -22.41 -4.58 -1.51
C GLU A 49 -21.22 -5.25 -0.84
N ASN A 50 -20.42 -4.45 -0.14
CA ASN A 50 -19.31 -4.90 0.71
C ASN A 50 -18.14 -5.50 -0.08
N ALA A 51 -18.06 -5.30 -1.39
CA ALA A 51 -16.93 -5.86 -2.13
C ALA A 51 -16.70 -5.09 -3.43
N LEU A 52 -15.55 -5.36 -4.04
CA LEU A 52 -15.23 -4.88 -5.37
C LEU A 52 -15.28 -6.06 -6.32
N PRO A 53 -16.20 -6.07 -7.28
CA PRO A 53 -16.30 -7.20 -8.21
C PRO A 53 -15.02 -7.41 -9.01
N PHE A 54 -14.82 -8.66 -9.42
CA PHE A 54 -13.71 -9.04 -10.29
C PHE A 54 -13.58 -8.07 -11.46
N GLY A 55 -12.34 -7.59 -11.72
CA GLY A 55 -12.07 -6.68 -12.80
C GLY A 55 -12.11 -5.22 -12.45
N THR A 56 -12.60 -4.87 -11.25
CA THR A 56 -12.61 -3.47 -10.82
C THR A 56 -11.19 -2.96 -10.66
N VAL A 57 -10.94 -1.73 -11.13
CA VAL A 57 -9.64 -1.08 -11.02
C VAL A 57 -9.84 0.25 -10.30
N VAL A 58 -9.00 0.52 -9.30
CA VAL A 58 -9.05 1.75 -8.53
C VAL A 58 -7.67 2.40 -8.56
N ALA A 59 -7.62 3.71 -8.75
CA ALA A 59 -6.37 4.45 -8.63
C ALA A 59 -6.33 5.08 -7.25
N MET A 60 -5.16 5.11 -6.63
CA MET A 60 -5.02 5.61 -5.26
CA MET A 60 -5.09 5.69 -5.30
C MET A 60 -3.89 6.63 -5.14
N ASP A 61 -4.11 7.61 -4.27
CA ASP A 61 -3.11 8.59 -3.84
C ASP A 61 -3.20 8.57 -2.32
N ASP A 62 -2.66 7.50 -1.71
CA ASP A 62 -3.05 7.17 -0.34
C ASP A 62 -2.03 7.62 0.68
N PRO A 63 -2.45 8.36 1.70
CA PRO A 63 -1.49 8.83 2.70
C PRO A 63 -0.86 7.68 3.47
N LEU A 64 0.43 7.85 3.78
CA LEU A 64 1.17 6.97 4.67
C LEU A 64 1.54 7.81 5.89
N THR A 65 1.16 7.34 7.07
CA THR A 65 1.35 8.10 8.29
C THR A 65 2.13 7.28 9.31
N ALA A 66 2.74 7.99 10.28
CA ALA A 66 3.55 7.32 11.29
C ALA A 66 2.70 6.51 12.26
N GLY A 67 1.46 6.92 12.49
CA GLY A 67 0.60 6.22 13.41
C GLY A 67 -0.68 5.77 12.73
N PRO A 68 -1.50 4.98 13.43
CA PRO A 68 -2.78 4.56 12.84
C PRO A 68 -3.72 5.70 12.57
N GLU A 69 -3.56 6.83 13.27
CA GLU A 69 -4.48 7.94 13.11
C GLU A 69 -4.22 8.67 11.79
N ARG A 70 -5.31 9.06 11.13
CA ARG A 70 -5.19 9.78 9.86
CA ARG A 70 -5.21 9.79 9.87
C ARG A 70 -4.41 11.08 10.03
N ASP A 71 -4.53 11.73 11.18
CA ASP A 71 -3.84 13.00 11.39
C ASP A 71 -2.48 12.85 12.08
N SER A 72 -1.97 11.63 12.21
CA SER A 72 -0.59 11.46 12.64
C SER A 72 0.34 11.89 11.51
N LYS A 73 1.65 11.90 11.80
CA LYS A 73 2.63 12.51 10.91
C LYS A 73 2.59 11.86 9.53
N LEU A 74 2.43 12.69 8.50
CA LEU A 74 2.45 12.20 7.12
C LEU A 74 3.89 11.89 6.73
N VAL A 75 4.15 10.65 6.33
CA VAL A 75 5.50 10.25 5.95
C VAL A 75 5.62 9.89 4.47
N GLY A 76 4.53 9.75 3.73
CA GLY A 76 4.65 9.46 2.32
C GLY A 76 3.29 9.24 1.69
N LYS A 77 3.32 8.75 0.44
CA LYS A 77 2.12 8.42 -0.32
C LYS A 77 2.30 7.06 -1.01
N ALA A 78 1.25 6.26 -0.99
CA ALA A 78 1.18 5.05 -1.82
C ALA A 78 0.35 5.40 -3.04
N GLN A 79 0.96 5.35 -4.24
CA GLN A 79 0.35 5.85 -5.45
C GLN A 79 0.40 4.78 -6.53
N GLY A 80 -0.73 4.48 -7.13
CA GLY A 80 -0.77 3.43 -8.12
C GLY A 80 -2.20 2.99 -8.37
N ILE A 81 -2.36 1.69 -8.70
CA ILE A 81 -3.68 1.12 -8.92
C ILE A 81 -3.79 -0.19 -8.18
N TYR A 82 -5.02 -0.53 -7.76
CA TYR A 82 -5.31 -1.88 -7.32
C TYR A 82 -6.49 -2.44 -8.11
N THR A 83 -6.42 -3.75 -8.36
CA THR A 83 -7.36 -4.43 -9.24
C THR A 83 -7.92 -5.63 -8.50
N SER A 84 -9.23 -5.82 -8.59
CA SER A 84 -9.87 -6.99 -8.02
C SER A 84 -9.63 -8.17 -8.96
N ILE A 85 -8.85 -9.16 -8.51
CA ILE A 85 -8.31 -10.17 -9.43
C ILE A 85 -8.79 -11.58 -9.10
N SER A 86 -9.80 -11.74 -8.24
CA SER A 86 -10.29 -13.08 -7.91
C SER A 86 -11.79 -13.17 -8.14
N GLN A 87 -12.21 -14.24 -8.81
CA GLN A 87 -13.63 -14.46 -9.04
C GLN A 87 -14.34 -15.07 -7.84
N GLU A 88 -13.59 -15.63 -6.89
CA GLU A 88 -14.17 -16.42 -5.81
C GLU A 88 -14.19 -15.71 -4.47
N GLU A 89 -13.32 -14.74 -4.27
CA GLU A 89 -13.31 -13.92 -3.07
C GLU A 89 -12.75 -12.57 -3.51
N MET A 90 -12.83 -11.60 -2.62
CA MET A 90 -12.20 -10.33 -2.94
C MET A 90 -10.70 -10.44 -2.68
N GLY A 91 -9.91 -10.31 -3.73
CA GLY A 91 -8.47 -10.23 -3.61
C GLY A 91 -7.95 -9.19 -4.57
N LEU A 92 -6.88 -8.51 -4.17
CA LEU A 92 -6.37 -7.36 -4.91
C LEU A 92 -4.98 -7.63 -5.47
N MET A 93 -4.69 -7.02 -6.62
CA MET A 93 -3.32 -6.89 -7.09
C MET A 93 -2.93 -5.44 -6.90
N MET A 94 -1.85 -5.22 -6.15
CA MET A 94 -1.34 -3.86 -5.92
C MET A 94 -0.21 -3.58 -6.90
N VAL A 95 -0.33 -2.47 -7.64
CA VAL A 95 0.72 -2.03 -8.56
C VAL A 95 0.97 -0.58 -8.19
N MET A 96 2.03 -0.33 -7.43
CA MET A 96 2.11 0.97 -6.79
C MET A 96 3.54 1.28 -6.36
N THR A 97 3.78 2.57 -6.12
CA THR A 97 4.97 3.00 -5.43
C THR A 97 4.62 3.55 -4.06
N MET A 98 5.56 3.41 -3.14
CA MET A 98 5.54 4.11 -1.86
CA MET A 98 5.54 4.11 -1.86
C MET A 98 6.65 5.15 -1.92
N ALA A 99 6.27 6.42 -1.80
CA ALA A 99 7.19 7.54 -1.95
C ALA A 99 7.24 8.30 -0.64
N PHE A 100 8.44 8.56 -0.13
CA PHE A 100 8.61 9.09 1.22
C PHE A 100 8.98 10.56 1.18
N SER A 101 8.43 11.33 2.11
CA SER A 101 8.51 12.78 2.01
C SER A 101 8.85 13.51 3.30
N ASP A 102 8.83 12.88 4.48
CA ASP A 102 9.18 13.67 5.67
C ASP A 102 9.90 12.72 6.64
N GLY A 103 11.17 12.46 6.33
CA GLY A 103 11.94 11.49 7.09
C GLY A 103 13.37 11.39 6.60
N GLU A 104 13.92 10.18 6.66
CA GLU A 104 15.33 9.98 6.36
C GLU A 104 15.62 9.69 4.90
N PHE A 105 14.61 9.59 4.04
CA PHE A 105 14.80 9.24 2.62
CA PHE A 105 14.82 9.27 2.63
C PHE A 105 13.83 10.02 1.75
N ASN A 106 13.74 11.33 1.96
CA ASN A 106 12.84 12.16 1.18
C ASN A 106 13.12 12.00 -0.32
N GLY A 107 12.05 11.78 -1.07
CA GLY A 107 12.15 11.62 -2.51
C GLY A 107 12.39 10.21 -2.97
N SER A 108 12.76 9.31 -2.06
CA SER A 108 13.02 7.93 -2.40
C SER A 108 11.71 7.17 -2.52
N THR A 109 11.72 6.12 -3.33
CA THR A 109 10.52 5.32 -3.53
C THR A 109 10.84 3.83 -3.45
N LEU A 110 9.78 3.06 -3.22
CA LEU A 110 9.78 1.60 -3.31
C LEU A 110 8.64 1.20 -4.23
N SER A 111 8.84 0.16 -5.03
CA SER A 111 7.82 -0.34 -5.95
C SER A 111 7.31 -1.71 -5.50
N ILE A 112 6.00 -1.90 -5.66
CA ILE A 112 5.32 -3.13 -5.29
C ILE A 112 4.47 -3.61 -6.46
N LEU A 113 4.54 -4.90 -6.76
CA LEU A 113 3.68 -5.58 -7.74
C LEU A 113 3.29 -6.90 -7.07
N GLY A 114 2.20 -6.89 -6.31
CA GLY A 114 1.95 -8.00 -5.42
C GLY A 114 0.49 -8.29 -5.24
N ARG A 115 0.19 -9.56 -5.03
CA ARG A 115 -1.15 -9.98 -4.66
C ARG A 115 -1.42 -9.68 -3.20
N ASN A 116 -2.69 -9.42 -2.88
CA ASN A 116 -3.06 -8.86 -1.58
C ASN A 116 -4.43 -9.46 -1.21
N MET A 117 -4.41 -10.62 -0.57
CA MET A 117 -5.64 -11.39 -0.35
C MET A 117 -6.28 -10.95 0.97
N ILE A 118 -6.94 -9.79 0.89
CA ILE A 118 -7.38 -9.08 2.08
C ILE A 118 -8.46 -9.84 2.85
N MET A 119 -9.12 -10.83 2.26
CA MET A 119 -10.19 -11.54 2.95
C MET A 119 -9.73 -12.85 3.57
N SER A 120 -8.59 -13.40 3.14
CA SER A 120 -8.20 -14.74 3.57
C SER A 120 -6.80 -14.84 4.16
N GLU A 121 -6.03 -13.75 4.18
CA GLU A 121 -4.74 -13.73 4.87
C GLU A 121 -4.72 -12.56 5.85
N THR A 122 -4.29 -12.83 7.08
CA THR A 122 -4.22 -11.78 8.08
CA THR A 122 -4.23 -11.76 8.07
C THR A 122 -2.93 -10.97 7.97
N ILE A 123 -1.82 -11.63 7.64
CA ILE A 123 -0.56 -10.94 7.36
C ILE A 123 -0.18 -11.23 5.93
N ARG A 124 -0.07 -10.18 5.13
CA ARG A 124 0.01 -10.30 3.68
C ARG A 124 1.38 -9.80 3.20
N GLU A 125 2.15 -10.70 2.60
CA GLU A 125 3.50 -10.37 2.13
C GLU A 125 3.47 -9.87 0.70
N MET A 126 4.21 -8.80 0.44
CA MET A 126 4.40 -8.30 -0.92
C MET A 126 5.87 -8.01 -1.15
N ALA A 127 6.39 -8.44 -2.30
CA ALA A 127 7.79 -8.21 -2.61
C ALA A 127 8.04 -6.73 -2.88
N ILE A 128 9.21 -6.25 -2.49
CA ILE A 128 9.71 -4.97 -3.00
C ILE A 128 10.40 -5.30 -4.32
N VAL A 129 9.83 -4.84 -5.44
CA VAL A 129 10.36 -5.20 -6.75
C VAL A 129 11.31 -4.17 -7.32
N GLY A 130 11.47 -3.02 -6.66
CA GLY A 130 12.42 -2.00 -7.07
C GLY A 130 12.41 -0.86 -6.07
N GLY A 131 13.42 0.00 -6.19
CA GLY A 131 13.48 1.20 -5.36
C GLY A 131 14.31 2.26 -6.06
N THR A 132 14.17 3.48 -5.56
CA THR A 132 14.93 4.62 -6.10
C THR A 132 15.51 5.43 -4.96
N GLY A 133 16.47 6.28 -5.32
CA GLY A 133 17.10 7.16 -4.35
C GLY A 133 17.89 6.38 -3.34
N ALA A 134 17.55 6.55 -2.06
CA ALA A 134 18.16 5.72 -1.03
C ALA A 134 17.92 4.24 -1.29
N PHE A 135 16.85 3.89 -2.02
CA PHE A 135 16.48 2.51 -2.22
C PHE A 135 16.82 2.00 -3.62
N ARG A 136 17.70 2.71 -4.33
CA ARG A 136 18.27 2.16 -5.55
C ARG A 136 18.85 0.78 -5.26
N PHE A 137 18.56 -0.18 -6.14
CA PHE A 137 19.08 -1.55 -6.05
C PHE A 137 18.56 -2.30 -4.82
N VAL A 138 17.41 -1.88 -4.27
CA VAL A 138 16.91 -2.45 -3.03
C VAL A 138 16.56 -3.93 -3.17
N ARG A 139 16.70 -4.65 -2.06
CA ARG A 139 16.14 -5.97 -1.85
C ARG A 139 15.29 -5.91 -0.59
N GLY A 140 14.06 -6.41 -0.64
CA GLY A 140 13.24 -6.29 0.55
C GLY A 140 11.86 -6.90 0.39
N TYR A 141 11.09 -6.83 1.47
CA TYR A 141 9.72 -7.31 1.43
C TYR A 141 8.86 -6.51 2.39
N ALA A 142 7.56 -6.50 2.11
CA ALA A 142 6.56 -5.82 2.93
C ALA A 142 5.59 -6.81 3.56
N GLN A 143 5.17 -6.52 4.79
CA GLN A 143 4.12 -7.27 5.46
CA GLN A 143 4.13 -7.27 5.48
C GLN A 143 3.03 -6.30 5.86
N ALA A 144 1.82 -6.56 5.37
CA ALA A 144 0.68 -5.69 5.60
C ALA A 144 -0.37 -6.41 6.42
N LYS A 145 -1.01 -5.69 7.34
CA LYS A 145 -2.10 -6.25 8.12
C LYS A 145 -3.05 -5.12 8.48
N PHE A 146 -4.32 -5.45 8.58
CA PHE A 146 -5.30 -4.40 8.89
C PHE A 146 -5.09 -3.85 10.28
N PHE A 147 -5.15 -2.52 10.39
CA PHE A 147 -5.50 -1.87 11.65
C PHE A 147 -7.01 -1.72 11.76
N SER A 148 -7.66 -1.29 10.68
CA SER A 148 -9.11 -1.20 10.64
C SER A 148 -9.54 -1.33 9.19
N VAL A 149 -10.70 -1.92 8.98
CA VAL A 149 -11.29 -1.98 7.66
C VAL A 149 -12.81 -1.99 7.80
N ASP A 150 -13.48 -1.28 6.90
CA ASP A 150 -14.94 -1.24 6.82
C ASP A 150 -15.27 -1.68 5.41
N PHE A 151 -15.70 -2.94 5.25
CA PHE A 151 -15.99 -3.43 3.91
C PHE A 151 -17.25 -2.84 3.32
N THR A 152 -18.16 -2.26 4.13
CA THR A 152 -19.34 -1.65 3.55
C THR A 152 -19.03 -0.37 2.80
N THR A 153 -17.92 0.28 3.12
CA THR A 153 -17.52 1.51 2.46
C THR A 153 -16.20 1.41 1.73
N GLY A 154 -15.31 0.52 2.18
CA GLY A 154 -13.98 0.43 1.62
C GLY A 154 -12.92 1.15 2.41
N ASP A 155 -13.30 1.97 3.39
CA ASP A 155 -12.32 2.66 4.21
C ASP A 155 -11.40 1.66 4.90
N ALA A 156 -10.09 1.87 4.79
CA ALA A 156 -9.17 0.93 5.41
C ALA A 156 -7.92 1.67 5.89
N THR A 157 -7.42 1.26 7.04
CA THR A 157 -6.12 1.67 7.55
C THR A 157 -5.31 0.40 7.72
N VAL A 158 -4.17 0.34 7.03
CA VAL A 158 -3.39 -0.89 6.87
C VAL A 158 -2.01 -0.65 7.44
N GLU A 159 -1.62 -1.46 8.41
CA GLU A 159 -0.29 -1.38 9.00
C GLU A 159 0.73 -2.07 8.10
N TYR A 160 1.82 -1.37 7.81
CA TYR A 160 2.90 -1.91 6.99
C TYR A 160 4.19 -1.97 7.80
N ASP A 161 4.88 -3.11 7.71
CA ASP A 161 6.29 -3.21 8.04
C ASP A 161 7.03 -3.58 6.77
N ILE A 162 8.06 -2.81 6.43
CA ILE A 162 8.88 -3.11 5.27
C ILE A 162 10.33 -3.25 5.71
N PHE A 163 10.97 -4.30 5.23
CA PHE A 163 12.34 -4.62 5.59
C PHE A 163 13.15 -4.52 4.31
N VAL A 164 14.07 -3.56 4.25
CA VAL A 164 14.79 -3.29 3.01
C VAL A 164 16.29 -3.31 3.24
N PHE A 165 17.01 -3.84 2.26
CA PHE A 165 18.45 -3.89 2.24
C PHE A 165 18.92 -3.09 1.03
N HIS A 166 19.82 -2.14 1.25
CA HIS A 166 20.13 -1.15 0.22
C HIS A 166 21.54 -0.61 0.44
N TYR A 167 21.88 0.48 -0.25
CA TYR A 167 23.25 0.94 -0.32
C TYR A 167 23.33 2.43 -0.01
N LYS A 168 24.57 2.87 0.24
CA LYS A 168 24.84 4.28 0.51
C LYS A 168 24.29 5.15 -0.62
N GLY A 169 23.79 6.33 -0.25
CA GLY A 169 23.27 7.26 -1.23
C GLY A 169 24.34 8.12 -1.87
#